data_5VBE
#
_entry.id   5VBE
#
_cell.length_a   92.648
_cell.length_b   92.648
_cell.length_c   120.532
_cell.angle_alpha   90.000
_cell.angle_beta   90.000
_cell.angle_gamma   120.000
#
_symmetry.space_group_name_H-M   'H 3 2'
#
loop_
_entity.id
_entity.type
_entity.pdbx_description
1 polymer 'GTPase HRas'
2 non-polymer "GUANOSINE-5'-DIPHOSPHATE"
3 non-polymer 1-(4-methoxyphenyl)-N-(3-sulfanylpropyl)-5-(trifluoromethyl)-1H-pyrazole-4-carboxamide
4 non-polymer 'MAGNESIUM ION'
5 water water
#
_entity_poly.entity_id   1
_entity_poly.type   'polypeptide(L)'
_entity_poly.pdbx_seq_one_letter_code
;GAMGSMTEYKLVVVGAGGVGKSALTIQLIQNHFVDEYDPTIEDSYRKQVVIDGETCLLDILDTAGQEEYSAMRDQYCRTG
EGFLCVFAINNTKSFEDIHQYREQIKRVKDSDDVPMVLVGNKCDLAARTVESRQAQDLARSYGIPYIETSAKTRQGVEDA
FYTLVREIRQH
;
_entity_poly.pdbx_strand_id   A
#
loop_
_chem_comp.id
_chem_comp.type
_chem_comp.name
_chem_comp.formula
92V non-polymer 1-(4-methoxyphenyl)-N-(3-sulfanylpropyl)-5-(trifluoromethyl)-1H-pyrazole-4-carboxamide 'C15 H16 F3 N3 O2 S'
GDP RNA linking GUANOSINE-5'-DIPHOSPHATE 'C10 H15 N5 O11 P2'
MG non-polymer 'MAGNESIUM ION' 'Mg 2'
#
# COMPACT_ATOMS: atom_id res chain seq x y z
N MET A 6 -14.74 8.20 -17.08
CA MET A 6 -14.68 7.72 -15.70
C MET A 6 -13.29 7.92 -15.22
N THR A 7 -13.09 8.28 -13.98
CA THR A 7 -11.77 8.60 -13.47
C THR A 7 -10.91 7.41 -13.05
N GLU A 8 -9.69 7.35 -13.52
CA GLU A 8 -8.76 6.29 -13.16
C GLU A 8 -7.78 6.80 -12.11
N TYR A 9 -7.50 5.94 -11.17
CA TYR A 9 -6.49 6.19 -10.18
C TYR A 9 -5.46 5.06 -10.22
N LYS A 10 -4.20 5.43 -10.43
CA LYS A 10 -3.09 4.52 -10.60
C LYS A 10 -2.36 4.36 -9.29
N LEU A 11 -2.49 3.20 -8.68
CA LEU A 11 -1.98 2.92 -7.35
C LEU A 11 -0.88 1.87 -7.43
N VAL A 12 0.16 2.05 -6.61
CA VAL A 12 1.25 1.11 -6.57
C VAL A 12 1.45 0.64 -5.14
N VAL A 13 1.52 -0.68 -4.94
CA VAL A 13 1.68 -1.29 -3.62
C VAL A 13 3.10 -1.79 -3.50
N VAL A 14 3.85 -1.27 -2.52
CA VAL A 14 5.28 -1.57 -2.34
C VAL A 14 5.53 -1.98 -0.90
N GLY A 15 6.65 -2.65 -0.69
CA GLY A 15 7.05 -3.08 0.65
C GLY A 15 7.83 -4.39 0.58
N ALA A 16 8.43 -4.75 1.72
CA ALA A 16 9.29 -5.91 1.78
C ALA A 16 8.52 -7.21 1.49
N GLY A 17 9.28 -8.24 1.09
CA GLY A 17 8.67 -9.53 0.83
C GLY A 17 7.95 -10.05 2.06
N GLY A 18 6.78 -10.62 1.84
CA GLY A 18 6.02 -11.26 2.86
C GLY A 18 5.15 -10.36 3.70
N VAL A 19 5.10 -9.05 3.44
CA VAL A 19 4.31 -8.18 4.31
C VAL A 19 2.80 -8.29 4.03
N GLY A 20 2.42 -8.83 2.90
CA GLY A 20 1.02 -8.98 2.52
C GLY A 20 0.57 -8.05 1.41
N LYS A 21 1.47 -7.66 0.51
CA LYS A 21 1.06 -6.81 -0.61
C LYS A 21 0.03 -7.53 -1.47
N SER A 22 0.34 -8.75 -1.89
CA SER A 22 -0.58 -9.49 -2.75
C SER A 22 -1.85 -9.84 -1.99
N ALA A 23 -1.72 -10.22 -0.71
CA ALA A 23 -2.92 -10.57 0.05
C ALA A 23 -3.84 -9.37 0.17
N LEU A 24 -3.30 -8.18 0.41
CA LEU A 24 -4.12 -6.98 0.52
C LEU A 24 -4.87 -6.71 -0.77
N THR A 25 -4.17 -6.81 -1.91
CA THR A 25 -4.80 -6.54 -3.20
C THR A 25 -5.89 -7.56 -3.51
N ILE A 26 -5.61 -8.83 -3.30
CA ILE A 26 -6.59 -9.87 -3.55
C ILE A 26 -7.78 -9.74 -2.61
N GLN A 27 -7.54 -9.39 -1.34
CA GLN A 27 -8.67 -9.18 -0.44
C GLN A 27 -9.54 -8.04 -0.95
N LEU A 28 -8.93 -6.92 -1.30
CA LEU A 28 -9.71 -5.79 -1.82
C LEU A 28 -10.60 -6.21 -2.97
N ILE A 29 -10.06 -6.95 -3.92
CA ILE A 29 -10.79 -7.22 -5.16
C ILE A 29 -11.72 -8.44 -5.04
N GLN A 30 -11.21 -9.53 -4.49
CA GLN A 30 -11.90 -10.81 -4.50
C GLN A 30 -12.57 -11.15 -3.18
N ASN A 31 -12.35 -10.34 -2.15
CA ASN A 31 -12.94 -10.57 -0.83
C ASN A 31 -12.57 -11.95 -0.30
N HIS A 32 -11.30 -12.31 -0.50
CA HIS A 32 -10.77 -13.62 -0.12
C HIS A 32 -9.35 -13.43 0.38
N PHE A 33 -8.99 -14.20 1.41
CA PHE A 33 -7.64 -14.20 1.98
C PHE A 33 -6.84 -15.39 1.45
N VAL A 34 -5.70 -15.10 0.82
CA VAL A 34 -4.81 -16.14 0.30
C VAL A 34 -3.75 -16.47 1.35
N ASP A 35 -3.53 -17.77 1.57
CA ASP A 35 -2.53 -18.25 2.52
C ASP A 35 -1.15 -18.33 1.92
N GLU A 36 -1.07 -18.48 0.60
CA GLU A 36 0.22 -18.55 -0.09
C GLU A 36 -0.01 -18.14 -1.54
N TYR A 37 0.70 -17.11 -1.97
CA TYR A 37 0.58 -16.55 -3.31
C TYR A 37 1.98 -16.40 -3.87
N ASP A 38 2.21 -16.97 -5.05
CA ASP A 38 3.52 -17.00 -5.69
C ASP A 38 4.20 -15.65 -5.52
N PRO A 39 5.35 -15.58 -4.83
CA PRO A 39 5.97 -14.27 -4.56
C PRO A 39 6.62 -13.63 -5.78
N THR A 40 6.65 -14.30 -6.93
CA THR A 40 7.25 -13.73 -8.12
C THR A 40 6.24 -13.07 -9.05
N ILE A 41 4.93 -13.26 -8.82
CA ILE A 41 3.93 -12.71 -9.73
C ILE A 41 3.79 -11.23 -9.45
N GLU A 42 4.05 -10.42 -10.47
CA GLU A 42 3.86 -8.97 -10.43
C GLU A 42 2.91 -8.62 -11.56
N ASP A 43 1.80 -8.00 -11.22
CA ASP A 43 0.80 -7.66 -12.22
C ASP A 43 -0.02 -6.49 -11.72
N SER A 44 -0.79 -5.90 -12.64
CA SER A 44 -1.71 -4.83 -12.30
C SER A 44 -3.13 -5.39 -12.36
N TYR A 45 -3.96 -4.93 -11.45
CA TYR A 45 -5.33 -5.40 -11.30
C TYR A 45 -6.27 -4.22 -11.29
N ARG A 46 -7.49 -4.43 -11.76
CA ARG A 46 -8.42 -3.33 -11.96
C ARG A 46 -9.69 -3.54 -11.13
N LYS A 47 -10.18 -2.47 -10.54
CA LYS A 47 -11.39 -2.54 -9.71
C LYS A 47 -12.20 -1.28 -9.88
N GLN A 48 -13.45 -1.44 -10.29
CA GLN A 48 -14.37 -0.32 -10.42
C GLN A 48 -15.12 -0.17 -9.11
N VAL A 49 -15.10 1.03 -8.56
CA VAL A 49 -15.65 1.31 -7.24
C VAL A 49 -16.28 2.68 -7.29
N VAL A 50 -17.23 2.93 -6.39
CA VAL A 50 -17.71 4.28 -6.14
C VAL A 50 -17.08 4.78 -4.84
N ILE A 51 -16.38 5.90 -4.90
CA ILE A 51 -15.71 6.50 -3.74
C ILE A 51 -16.21 7.94 -3.65
N ASP A 52 -16.90 8.25 -2.54
CA ASP A 52 -17.47 9.58 -2.30
C ASP A 52 -18.31 10.03 -3.51
N GLY A 53 -19.14 9.10 -3.99
CA GLY A 53 -20.07 9.36 -5.06
C GLY A 53 -19.49 9.36 -6.45
N GLU A 54 -18.18 9.17 -6.59
CA GLU A 54 -17.52 9.18 -7.90
C GLU A 54 -17.23 7.74 -8.31
N THR A 55 -17.69 7.34 -9.49
CA THR A 55 -17.29 6.04 -10.04
C THR A 55 -15.84 6.12 -10.52
N CYS A 56 -14.99 5.29 -9.91
CA CYS A 56 -13.53 5.25 -10.03
C CYS A 56 -13.12 3.92 -10.62
N LEU A 57 -12.07 3.94 -11.44
CA LEU A 57 -11.36 2.73 -11.82
C LEU A 57 -10.01 2.75 -11.12
N LEU A 58 -9.77 1.79 -10.25
CA LEU A 58 -8.47 1.66 -9.59
C LEU A 58 -7.62 0.72 -10.42
N ASP A 59 -6.44 1.20 -10.79
CA ASP A 59 -5.45 0.45 -11.53
C ASP A 59 -4.31 0.21 -10.55
N ILE A 60 -4.19 -1.01 -10.02
CA ILE A 60 -3.34 -1.29 -8.85
C ILE A 60 -2.18 -2.18 -9.28
N LEU A 61 -0.95 -1.71 -9.12
CA LEU A 61 0.22 -2.53 -9.40
C LEU A 61 0.68 -3.19 -8.11
N ASP A 62 0.64 -4.51 -8.10
CA ASP A 62 1.10 -5.34 -6.99
C ASP A 62 2.56 -5.68 -7.28
N THR A 63 3.50 -4.93 -6.69
CA THR A 63 4.91 -5.14 -7.02
C THR A 63 5.47 -6.38 -6.33
N ALA A 64 6.47 -6.97 -6.96
CA ALA A 64 7.15 -8.12 -6.38
C ALA A 64 8.62 -8.08 -6.77
N GLY A 65 9.49 -8.46 -5.85
CA GLY A 65 10.91 -8.58 -6.13
C GLY A 65 11.68 -7.32 -5.82
N GLN A 66 12.99 -7.42 -6.06
CA GLN A 66 13.90 -6.28 -5.87
C GLN A 66 15.08 -6.34 -6.84
N SER A 70 12.83 -4.73 -13.70
CA SER A 70 11.49 -4.87 -14.27
C SER A 70 11.08 -3.63 -15.04
N ALA A 71 10.52 -3.84 -16.23
CA ALA A 71 9.97 -2.72 -17.00
C ALA A 71 8.67 -2.24 -16.36
N MET A 72 7.70 -3.15 -16.21
CA MET A 72 6.38 -2.79 -15.69
C MET A 72 6.48 -1.97 -14.41
N ARG A 73 7.31 -2.42 -13.46
CA ARG A 73 7.49 -1.69 -12.22
C ARG A 73 7.96 -0.27 -12.48
N ASP A 74 9.02 -0.12 -13.27
CA ASP A 74 9.56 1.21 -13.55
C ASP A 74 8.49 2.10 -14.20
N GLN A 75 7.66 1.55 -15.06
CA GLN A 75 6.61 2.27 -15.73
C GLN A 75 5.47 2.77 -14.83
N TYR A 76 4.94 1.90 -13.99
CA TYR A 76 3.94 2.35 -13.05
C TYR A 76 4.54 3.25 -11.98
N CYS A 77 5.77 2.99 -11.55
CA CYS A 77 6.37 3.88 -10.59
C CYS A 77 6.44 5.28 -11.12
N ARG A 78 6.87 5.42 -12.35
CA ARG A 78 7.01 6.74 -12.92
C ARG A 78 5.66 7.40 -13.14
N THR A 79 4.65 6.63 -13.52
CA THR A 79 3.35 7.20 -13.76
C THR A 79 2.34 6.95 -12.64
N GLY A 80 2.70 6.13 -11.67
CA GLY A 80 1.89 5.88 -10.51
C GLY A 80 1.51 7.16 -9.85
N GLU A 81 0.28 7.29 -9.45
CA GLU A 81 -0.20 8.47 -8.82
C GLU A 81 -0.20 8.41 -7.31
N GLY A 82 -0.32 7.22 -6.77
CA GLY A 82 -0.19 7.12 -5.33
C GLY A 82 0.37 5.77 -4.92
N PHE A 83 0.97 5.74 -3.75
CA PHE A 83 1.71 4.57 -3.27
C PHE A 83 1.23 4.11 -1.92
N LEU A 84 0.91 2.81 -1.80
N LEU A 84 1.06 2.79 -1.80
CA LEU A 84 0.79 2.20 -0.48
CA LEU A 84 0.76 2.12 -0.54
C LEU A 84 2.14 1.64 -0.13
C LEU A 84 2.05 1.48 -0.03
N CYS A 85 2.66 2.07 1.01
CA CYS A 85 3.93 1.59 1.55
C CYS A 85 3.60 0.68 2.72
N VAL A 86 3.74 -0.63 2.49
CA VAL A 86 3.26 -1.65 3.41
C VAL A 86 4.40 -2.26 4.21
N PHE A 87 4.21 -2.34 5.51
CA PHE A 87 5.01 -3.22 6.36
C PHE A 87 4.07 -4.14 7.15
N ALA A 88 4.61 -5.13 7.88
CA ALA A 88 3.78 -5.98 8.74
C ALA A 88 4.13 -5.68 10.21
N ILE A 89 3.09 -5.60 11.07
CA ILE A 89 3.32 -5.18 12.45
C ILE A 89 4.06 -6.22 13.27
N ASN A 90 4.23 -7.44 12.73
CA ASN A 90 5.07 -8.49 13.32
C ASN A 90 6.37 -8.68 12.53
N ASN A 91 6.86 -7.62 11.88
CA ASN A 91 8.06 -7.73 11.06
C ASN A 91 8.82 -6.41 11.17
N THR A 92 9.64 -6.29 12.21
CA THR A 92 10.37 -5.06 12.48
C THR A 92 11.23 -4.65 11.28
N LYS A 93 11.91 -5.61 10.66
CA LYS A 93 12.74 -5.26 9.52
C LYS A 93 11.92 -4.62 8.42
N SER A 94 10.71 -5.11 8.15
CA SER A 94 9.91 -4.51 7.09
C SER A 94 9.53 -3.08 7.40
N PHE A 95 9.31 -2.76 8.68
CA PHE A 95 9.07 -1.39 9.10
C PHE A 95 10.30 -0.53 8.88
N GLU A 96 11.47 -1.05 9.27
CA GLU A 96 12.71 -0.32 9.09
C GLU A 96 12.99 -0.06 7.61
N ASP A 97 12.59 -0.99 6.74
CA ASP A 97 12.80 -0.94 5.29
C ASP A 97 11.96 0.14 4.62
N ILE A 98 10.85 0.57 5.25
CA ILE A 98 9.96 1.57 4.62
C ILE A 98 10.74 2.77 4.09
N HIS A 99 11.72 3.25 4.84
CA HIS A 99 12.46 4.43 4.42
C HIS A 99 13.09 4.26 3.03
N GLN A 100 13.57 3.06 2.71
CA GLN A 100 14.19 2.86 1.40
C GLN A 100 13.16 2.99 0.29
N TYR A 101 11.97 2.42 0.51
CA TYR A 101 10.89 2.58 -0.47
C TYR A 101 10.48 4.03 -0.62
N ARG A 102 10.29 4.75 0.48
CA ARG A 102 9.91 6.15 0.35
C ARG A 102 10.98 6.97 -0.35
N GLU A 103 12.25 6.74 -0.02
CA GLU A 103 13.32 7.50 -0.67
C GLU A 103 13.33 7.23 -2.17
N GLN A 104 13.13 5.97 -2.58
CA GLN A 104 13.11 5.68 -4.01
C GLN A 104 11.91 6.30 -4.70
N ILE A 105 10.75 6.27 -4.06
CA ILE A 105 9.57 6.91 -4.67
C ILE A 105 9.81 8.40 -4.84
N LYS A 106 10.37 9.07 -3.82
CA LYS A 106 10.71 10.49 -3.95
C LYS A 106 11.65 10.73 -5.13
N ARG A 107 12.65 9.86 -5.31
CA ARG A 107 13.57 10.00 -6.44
C ARG A 107 12.84 9.88 -7.77
N VAL A 108 12.02 8.86 -7.91
CA VAL A 108 11.25 8.69 -9.10
C VAL A 108 10.38 9.85 -9.43
N LYS A 109 9.73 10.42 -8.47
CA LYS A 109 8.82 11.45 -8.68
C LYS A 109 9.51 12.81 -8.62
N ASP A 110 10.76 12.83 -8.22
CA ASP A 110 11.49 14.02 -7.90
C ASP A 110 10.69 15.03 -7.09
N SER A 111 10.17 14.57 -5.97
CA SER A 111 9.31 15.37 -5.11
C SER A 111 9.22 14.72 -3.74
N ASP A 112 9.09 15.54 -2.69
CA ASP A 112 8.79 15.02 -1.36
C ASP A 112 7.32 15.11 -1.02
N ASP A 113 6.48 15.48 -1.99
CA ASP A 113 5.03 15.61 -1.87
C ASP A 113 4.39 14.61 -2.84
N VAL A 114 4.33 13.35 -2.42
CA VAL A 114 3.83 12.25 -3.23
C VAL A 114 2.63 11.65 -2.49
N PRO A 115 1.48 11.45 -3.12
CA PRO A 115 0.37 10.77 -2.44
C PRO A 115 0.78 9.38 -1.96
N MET A 116 0.62 9.14 -0.67
CA MET A 116 1.17 7.93 -0.05
C MET A 116 0.43 7.67 1.25
N VAL A 117 0.25 6.38 1.56
CA VAL A 117 -0.29 5.92 2.84
C VAL A 117 0.67 4.86 3.37
N LEU A 118 1.03 4.98 4.65
CA LEU A 118 1.77 3.95 5.37
C LEU A 118 0.79 2.92 5.92
N VAL A 119 1.01 1.65 5.58
CA VAL A 119 0.09 0.57 5.94
C VAL A 119 0.81 -0.43 6.85
N GLY A 120 0.24 -0.65 8.04
CA GLY A 120 0.74 -1.67 8.97
C GLY A 120 -0.17 -2.86 8.88
N ASN A 121 0.26 -3.89 8.15
CA ASN A 121 -0.59 -5.03 7.84
C ASN A 121 -0.39 -6.16 8.86
N LYS A 122 -1.29 -7.16 8.80
CA LYS A 122 -1.30 -8.32 9.70
C LYS A 122 -1.72 -7.93 11.11
N CYS A 123 -2.61 -6.94 11.24
CA CYS A 123 -3.00 -6.45 12.56
C CYS A 123 -3.87 -7.46 13.33
N ASP A 124 -4.24 -8.59 12.71
CA ASP A 124 -4.92 -9.67 13.41
C ASP A 124 -3.97 -10.53 14.24
N LEU A 125 -2.67 -10.42 14.01
CA LEU A 125 -1.69 -11.27 14.68
C LEU A 125 -1.28 -10.70 16.03
N ALA A 126 -0.86 -11.59 16.94
CA ALA A 126 -0.55 -11.16 18.30
C ALA A 126 0.91 -10.82 18.50
N ALA A 127 1.81 -11.25 17.62
CA ALA A 127 3.25 -11.06 17.85
C ALA A 127 3.70 -9.67 17.38
N ARG A 128 3.05 -8.64 17.91
CA ARG A 128 3.32 -7.28 17.42
C ARG A 128 4.67 -6.81 17.95
N THR A 129 5.55 -6.45 17.02
CA THR A 129 6.85 -5.91 17.36
C THR A 129 7.00 -4.47 16.89
N VAL A 130 6.02 -3.93 16.16
CA VAL A 130 5.98 -2.51 15.77
C VAL A 130 4.73 -1.92 16.41
N GLU A 131 4.92 -1.01 17.36
CA GLU A 131 3.78 -0.35 17.99
CA GLU A 131 3.79 -0.34 18.00
C GLU A 131 3.12 0.64 17.04
N SER A 132 1.81 0.79 17.19
CA SER A 132 1.10 1.80 16.43
C SER A 132 1.77 3.17 16.56
N ARG A 133 2.17 3.56 17.78
CA ARG A 133 2.82 4.86 17.99
C ARG A 133 4.09 5.01 17.14
N GLN A 134 4.89 3.94 17.02
CA GLN A 134 6.10 4.02 16.19
C GLN A 134 5.74 4.35 14.75
N ALA A 135 4.76 3.65 14.21
CA ALA A 135 4.37 3.87 12.83
C ALA A 135 3.73 5.24 12.65
N GLN A 136 2.92 5.67 13.62
CA GLN A 136 2.36 7.02 13.60
C GLN A 136 3.46 8.06 13.53
N ASP A 137 4.56 7.87 14.30
CA ASP A 137 5.65 8.83 14.29
C ASP A 137 6.36 8.84 12.95
N LEU A 138 6.53 7.68 12.33
CA LEU A 138 7.14 7.64 11.02
C LEU A 138 6.26 8.35 9.99
N ALA A 139 4.97 8.01 9.98
CA ALA A 139 4.03 8.65 9.06
C ALA A 139 3.99 10.16 9.26
N ARG A 140 4.04 10.62 10.51
CA ARG A 140 4.00 12.06 10.76
C ARG A 140 5.26 12.72 10.20
N SER A 141 6.41 12.05 10.29
CA SER A 141 7.63 12.62 9.74
C SER A 141 7.57 12.74 8.23
N TYR A 142 6.81 11.86 7.58
CA TYR A 142 6.63 11.90 6.14
C TYR A 142 5.44 12.75 5.71
N GLY A 143 4.61 13.21 6.64
CA GLY A 143 3.41 13.95 6.30
C GLY A 143 2.32 13.13 5.61
N ILE A 144 2.16 11.86 6.01
CA ILE A 144 1.19 10.97 5.37
C ILE A 144 0.37 10.24 6.42
N PRO A 145 -0.77 9.67 6.03
CA PRO A 145 -1.55 8.86 6.96
C PRO A 145 -0.91 7.52 7.26
N TYR A 146 -1.23 7.01 8.45
CA TYR A 146 -0.97 5.63 8.85
C TYR A 146 -2.27 4.90 9.08
N ILE A 147 -2.43 3.75 8.45
CA ILE A 147 -3.61 2.91 8.62
C ILE A 147 -3.18 1.48 8.85
N GLU A 148 -3.79 0.81 9.84
CA GLU A 148 -3.54 -0.61 10.08
C GLU A 148 -4.57 -1.45 9.35
N THR A 149 -4.11 -2.58 8.82
CA THR A 149 -4.93 -3.47 8.04
C THR A 149 -4.71 -4.92 8.43
N SER A 150 -5.69 -5.75 8.07
CA SER A 150 -5.53 -7.20 8.02
C SER A 150 -6.13 -7.69 6.70
N ALA A 151 -5.28 -8.26 5.83
CA ALA A 151 -5.79 -8.94 4.65
C ALA A 151 -6.57 -10.19 4.98
N LYS A 152 -6.38 -10.73 6.18
CA LYS A 152 -7.12 -11.92 6.59
C LYS A 152 -8.55 -11.58 6.96
N THR A 153 -8.77 -10.57 7.82
CA THR A 153 -10.11 -10.25 8.30
C THR A 153 -10.79 -9.15 7.48
N ARG A 154 -10.04 -8.46 6.63
CA ARG A 154 -10.46 -7.29 5.84
C ARG A 154 -10.46 -5.98 6.65
N GLN A 155 -10.16 -6.01 7.95
CA GLN A 155 -10.07 -4.77 8.71
C GLN A 155 -9.15 -3.78 8.03
N GLY A 156 -9.64 -2.56 7.82
CA GLY A 156 -8.82 -1.47 7.32
C GLY A 156 -8.51 -1.49 5.83
N VAL A 157 -8.82 -2.58 5.11
CA VAL A 157 -8.32 -2.72 3.74
C VAL A 157 -8.93 -1.67 2.83
N GLU A 158 -10.26 -1.57 2.80
CA GLU A 158 -10.92 -0.54 2.02
C GLU A 158 -10.44 0.83 2.47
N ASP A 159 -10.34 1.06 3.78
N ASP A 159 -10.35 1.05 3.78
CA ASP A 159 -9.86 2.36 4.25
CA ASP A 159 -9.85 2.32 4.31
C ASP A 159 -8.49 2.70 3.69
C ASP A 159 -8.50 2.68 3.70
N ALA A 160 -7.57 1.73 3.64
CA ALA A 160 -6.23 2.04 3.16
C ALA A 160 -6.25 2.47 1.70
N PHE A 161 -6.92 1.68 0.86
CA PHE A 161 -6.95 2.02 -0.56
C PHE A 161 -7.75 3.29 -0.84
N TYR A 162 -8.91 3.45 -0.20
CA TYR A 162 -9.74 4.62 -0.48
C TYR A 162 -9.12 5.87 0.08
N THR A 163 -8.45 5.76 1.23
CA THR A 163 -7.71 6.91 1.73
C THR A 163 -6.62 7.32 0.75
N LEU A 164 -5.92 6.34 0.16
CA LEU A 164 -4.92 6.71 -0.84
C LEU A 164 -5.57 7.50 -1.98
N VAL A 165 -6.76 7.08 -2.43
CA VAL A 165 -7.48 7.85 -3.47
C VAL A 165 -7.75 9.28 -3.00
N ARG A 166 -8.21 9.44 -1.75
CA ARG A 166 -8.49 10.78 -1.26
C ARG A 166 -7.21 11.62 -1.10
N GLU A 167 -6.07 10.96 -0.90
CA GLU A 167 -4.80 11.69 -0.86
C GLU A 167 -4.42 12.18 -2.25
N ILE A 168 -4.64 11.34 -3.25
CA ILE A 168 -4.34 11.73 -4.61
C ILE A 168 -5.20 12.94 -5.00
N ARG A 169 -6.44 12.99 -4.49
CA ARG A 169 -7.36 14.07 -4.81
C ARG A 169 -7.00 15.39 -4.15
N GLN A 170 -6.32 15.37 -3.01
CA GLN A 170 -5.80 16.60 -2.44
C GLN A 170 -4.59 17.13 -3.20
N HIS A 171 -3.96 16.31 -4.02
CA HIS A 171 -2.69 16.69 -4.62
C HIS A 171 -2.86 17.73 -5.72
PB GDP B . 3.87 -10.20 -0.26
O1B GDP B . 4.02 -8.78 0.33
O2B GDP B . 3.01 -10.11 -1.58
O3B GDP B . 5.25 -10.86 -0.47
O3A GDP B . 3.03 -11.02 0.82
PA GDP B . 1.83 -12.05 0.58
O1A GDP B . 0.60 -11.34 0.17
O2A GDP B . 2.36 -13.14 -0.34
O5' GDP B . 1.63 -12.65 2.04
C5' GDP B . 2.72 -13.22 2.75
C4' GDP B . 2.20 -14.10 3.85
O4' GDP B . 1.62 -13.42 4.83
C3' GDP B . 1.02 -15.10 3.32
O3' GDP B . 1.28 -16.39 4.04
C2' GDP B . -0.07 -14.55 3.61
O2' GDP B . -1.17 -15.52 3.93
C1' GDP B . 0.18 -13.76 4.96
N9 GDP B . -0.51 -12.66 5.09
C8 GDP B . -0.66 -11.55 4.33
N7 GDP B . -1.44 -10.66 4.96
C5 GDP B . -1.77 -11.20 6.15
C6 GDP B . -2.60 -10.64 7.28
O6 GDP B . -3.14 -9.56 7.21
N1 GDP B . -2.76 -11.46 8.43
C2 GDP B . -2.15 -12.73 8.50
N2 GDP B . -2.34 -13.45 9.66
N3 GDP B . -1.34 -13.25 7.44
C4 GDP B . -1.15 -12.44 6.26
H5' GDP B . 3.25 -12.54 3.10
H5'' GDP B . 3.24 -13.77 2.12
H4' GDP B . 2.93 -14.63 4.22
H3' GDP B . 1.10 -15.24 2.33
HO3' GDP B . 2.11 -16.59 3.98
H2' GDP B . -0.37 -13.89 2.84
HO2' GDP B . -1.98 -15.09 3.88
H1' GDP B . 0.04 -14.36 5.75
H8 GDP B . -0.29 -11.43 3.45
HN1 GDP B . -3.27 -11.15 9.11
HN21 GDP B . -2.85 -13.12 10.31
HN22 GDP B . -1.95 -14.30 9.75
C10 92V C . 14.68 -2.73 0.64
C13 92V C . 16.33 -2.76 2.95
C21 92V C . 9.96 0.54 -6.73
C22 92V C . 9.98 1.96 -6.25
C01 92V C . 12.53 -1.35 -4.60
C02 92V C . 13.26 -0.99 -3.48
C05 92V C . 12.51 -2.73 -4.66
C06 92V C . 14.43 -2.16 -1.68
C07 92V C . 15.72 -1.64 -1.70
C08 92V C . 16.49 -1.67 -0.55
C09 92V C . 15.97 -2.21 0.63
C11 92V C . 13.91 -2.69 -0.51
C14 92V C . 13.52 0.41 -3.03
C18 92V C . 11.92 -0.39 -5.56
C23 92V C . 9.50 3.02 -7.18
F15 92V C . 13.46 0.46 -1.70
F16 92V C . 12.59 1.23 -3.49
F17 92V C . 14.72 0.83 -3.47
N03 92V C . 13.65 -2.11 -2.88
N04 92V C . 13.20 -3.19 -3.58
N20 92V C . 10.53 -0.41 -5.84
O12 92V C . 16.76 -2.23 1.76
O19 92V C . 12.64 0.46 -6.09
S24 92V C . 7.79 2.93 -7.58
H101 92V C . 14.31 -3.10 1.45
H132 92V C . 17.10 -2.96 3.51
H131 92V C . 15.83 -3.58 2.78
H133 92V C . 15.75 -2.12 3.41
H212 92V C . 10.42 0.50 -7.59
H211 92V C . 9.02 0.31 -6.90
H221 92V C . 10.90 2.16 -6.00
H222 92V C . 9.44 2.00 -5.45
H051 92V C . 12.09 -3.27 -5.34
H071 92V C . 16.07 -1.26 -2.52
H081 92V C . 17.39 -1.31 -0.56
H111 92V C . 13.01 -3.05 -0.51
H201 92V C . 9.99 -1.02 -5.44
H232 92V C . 10.00 2.94 -8.01
H231 92V C . 9.69 3.88 -6.79
MG MG D . 3.36 -10.79 -3.70
#